data_7CJE
#
_entry.id   7CJE
#
_cell.length_a   90.800
_cell.length_b   90.800
_cell.length_c   164.500
_cell.angle_alpha   90.000
_cell.angle_beta   90.000
_cell.angle_gamma   120.000
#
_symmetry.space_group_name_H-M   'P 31 2 1'
#
loop_
_entity.id
_entity.type
_entity.pdbx_description
1 polymer 'Glutamine cyclotransferase-related protein'
2 non-polymer 'ZINC ION'
3 non-polymer 'MAGNESIUM ION'
4 non-polymer GLYCEROL
5 water water
#
_entity_poly.entity_id   1
_entity_poly.type   'polypeptide(L)'
_entity_poly.pdbx_seq_one_letter_code
;MGSSHHHHHHSSGLVPRGSHMGNNTSETQGDRTEQAETVQADLFSADSAYTFVQRQVNFGPRIPGTAPHRACGDWLVATL
RSFGAAVQEQTAEIKAHDGTMLPMRNIIASYRPEATGRMLLMAHWDTRPVCDQDANPAMHTETFDGADDGGSGVGVLLEI
ARYLGQQKDLGMGIDIVFFDTEDYGSYGDDESWCLGSQYWSRNPHVAGYKAEAGILLDMVGAKGATFYWEYFSKSYAPGL
ISAVWQTAAALGYGNYFIQADGGALTDDHVPVIKNLGIPCIDIINYSSKNEHGFGDHWHTQRDNMQIIDKNVLDAVGETV
IRYLDEQVKAASH
;
_entity_poly.pdbx_strand_id   A,C
#
loop_
_chem_comp.id
_chem_comp.type
_chem_comp.name
_chem_comp.formula
GOL non-polymer GLYCEROL 'C3 H8 O3'
MG non-polymer 'MAGNESIUM ION' 'Mg 2'
ZN non-polymer 'ZINC ION' 'Zn 2'
#
# COMPACT_ATOMS: atom_id res chain seq x y z
N ALA A 41 -17.24 -3.42 -29.77
CA ALA A 41 -16.60 -3.53 -28.44
C ALA A 41 -15.71 -2.33 -28.05
N ASP A 42 -16.10 -1.63 -26.98
CA ASP A 42 -15.50 -0.35 -26.57
C ASP A 42 -14.63 -0.64 -25.36
N LEU A 43 -13.29 -0.60 -25.51
CA LEU A 43 -12.51 -1.03 -24.34
C LEU A 43 -12.50 0.01 -23.20
N PHE A 44 -12.60 1.29 -23.51
CA PHE A 44 -12.51 2.36 -22.52
C PHE A 44 -13.82 3.15 -22.50
N SER A 45 -14.52 3.16 -21.37
CA SER A 45 -15.84 3.81 -21.35
C SER A 45 -15.67 5.30 -21.17
N ALA A 46 -15.86 6.07 -22.23
CA ALA A 46 -15.79 7.53 -22.06
C ALA A 46 -16.86 8.04 -21.07
N ASP A 47 -18.03 7.43 -21.07
CA ASP A 47 -19.07 7.86 -20.12
C ASP A 47 -18.61 7.67 -18.67
N SER A 48 -18.00 6.51 -18.38
CA SER A 48 -17.54 6.26 -17.02
C SER A 48 -16.41 7.21 -16.59
N ALA A 49 -15.43 7.42 -17.48
CA ALA A 49 -14.37 8.37 -17.18
C ALA A 49 -14.93 9.76 -16.87
N TYR A 50 -15.88 10.23 -17.71
CA TYR A 50 -16.52 11.52 -17.45
C TYR A 50 -17.16 11.56 -16.06
N THR A 51 -17.88 10.49 -15.69
CA THR A 51 -18.48 10.42 -14.35
C THR A 51 -17.42 10.47 -13.23
N PHE A 52 -16.26 9.82 -13.41
CA PHE A 52 -15.19 9.93 -12.41
C PHE A 52 -14.66 11.37 -12.28
N VAL A 53 -14.57 12.11 -13.40
CA VAL A 53 -14.20 13.52 -13.31
C VAL A 53 -15.25 14.30 -12.49
N GLN A 54 -16.52 14.11 -12.81
CA GLN A 54 -17.58 14.79 -12.07
C GLN A 54 -17.57 14.42 -10.56
N ARG A 55 -17.35 13.16 -10.21
CA ARG A 55 -17.32 12.75 -8.80
C ARG A 55 -16.29 13.58 -8.04
N GLN A 56 -15.07 13.64 -8.60
CA GLN A 56 -14.03 14.41 -7.93
C GLN A 56 -14.47 15.84 -7.75
N VAL A 57 -14.99 16.45 -8.84
CA VAL A 57 -15.38 17.85 -8.76
C VAL A 57 -16.48 18.06 -7.72
N ASN A 58 -17.37 17.10 -7.58
CA ASN A 58 -18.49 17.32 -6.68
C ASN A 58 -18.07 17.30 -5.22
N PHE A 59 -16.89 16.74 -4.87
CA PHE A 59 -16.44 16.89 -3.47
C PHE A 59 -16.18 18.37 -3.10
N GLY A 60 -15.86 19.21 -4.10
CA GLY A 60 -15.30 20.53 -3.89
C GLY A 60 -13.85 20.53 -4.34
N PRO A 61 -13.18 21.68 -4.36
CA PRO A 61 -11.78 21.71 -4.81
C PRO A 61 -10.92 20.84 -3.91
N ARG A 62 -10.06 19.99 -4.52
CA ARG A 62 -9.18 19.08 -3.77
C ARG A 62 -7.87 19.78 -3.35
N ILE A 63 -8.02 20.77 -2.49
CA ILE A 63 -6.91 21.63 -2.07
C ILE A 63 -6.21 20.96 -0.89
N PRO A 64 -4.90 20.72 -0.98
CA PRO A 64 -4.16 20.07 0.11
C PRO A 64 -4.44 20.73 1.47
N GLY A 65 -4.69 19.91 2.49
CA GLY A 65 -5.02 20.42 3.81
C GLY A 65 -6.49 20.71 4.08
N THR A 66 -7.39 20.51 3.11
CA THR A 66 -8.81 20.85 3.29
C THR A 66 -9.68 19.60 3.33
N ALA A 67 -10.95 19.78 3.78
CA ALA A 67 -11.84 18.62 3.99
C ALA A 67 -12.29 17.96 2.68
N PRO A 68 -12.63 18.72 1.61
CA PRO A 68 -12.90 18.03 0.34
C PRO A 68 -11.70 17.21 -0.16
N HIS A 69 -10.45 17.70 0.04
CA HIS A 69 -9.27 16.90 -0.34
C HIS A 69 -9.23 15.56 0.44
N ARG A 70 -9.38 15.62 1.77
CA ARG A 70 -9.43 14.38 2.58
C ARG A 70 -10.53 13.41 2.09
N ALA A 71 -11.77 13.94 1.89
CA ALA A 71 -12.91 13.09 1.51
C ALA A 71 -12.71 12.47 0.11
N CYS A 72 -12.24 13.27 -0.84
CA CYS A 72 -11.99 12.74 -2.17
C CYS A 72 -10.87 11.71 -2.14
N GLY A 73 -9.80 11.97 -1.38
CA GLY A 73 -8.76 10.94 -1.32
C GLY A 73 -9.27 9.64 -0.76
N ASP A 74 -10.09 9.71 0.30
CA ASP A 74 -10.74 8.51 0.84
C ASP A 74 -11.51 7.75 -0.25
N TRP A 75 -12.31 8.49 -1.05
CA TRP A 75 -13.08 7.86 -2.13
C TRP A 75 -12.19 7.29 -3.24
N LEU A 76 -11.13 8.02 -3.64
CA LEU A 76 -10.21 7.47 -4.64
C LEU A 76 -9.62 6.13 -4.20
N VAL A 77 -9.20 6.05 -2.94
CA VAL A 77 -8.63 4.81 -2.42
C VAL A 77 -9.68 3.69 -2.44
N ALA A 78 -10.89 3.98 -1.93
CA ALA A 78 -11.92 2.93 -1.87
C ALA A 78 -12.28 2.46 -3.30
N THR A 79 -12.34 3.40 -4.23
CA THR A 79 -12.74 3.08 -5.58
C THR A 79 -11.65 2.22 -6.29
N LEU A 80 -10.37 2.61 -6.14
CA LEU A 80 -9.32 1.76 -6.70
C LEU A 80 -9.36 0.37 -6.09
N ARG A 81 -9.59 0.25 -4.76
CA ARG A 81 -9.69 -1.09 -4.18
C ARG A 81 -10.91 -1.87 -4.72
N SER A 82 -12.02 -1.17 -5.02
CA SER A 82 -13.20 -1.86 -5.54
C SER A 82 -12.96 -2.36 -6.96
N PHE A 83 -11.97 -1.79 -7.65
CA PHE A 83 -11.54 -2.26 -8.97
C PHE A 83 -10.39 -3.28 -8.89
N GLY A 84 -10.17 -3.88 -7.73
CA GLY A 84 -9.20 -4.96 -7.59
C GLY A 84 -7.74 -4.56 -7.39
N ALA A 85 -7.43 -3.29 -7.24
CA ALA A 85 -6.03 -2.89 -7.03
C ALA A 85 -5.64 -3.09 -5.57
N ALA A 86 -4.38 -3.43 -5.31
CA ALA A 86 -3.83 -3.32 -3.96
C ALA A 86 -3.38 -1.88 -3.73
N VAL A 87 -3.94 -1.16 -2.75
CA VAL A 87 -3.72 0.28 -2.67
C VAL A 87 -2.98 0.59 -1.37
N GLN A 88 -1.96 1.41 -1.44
CA GLN A 88 -1.33 1.93 -0.24
C GLN A 88 -1.23 3.45 -0.36
N GLU A 89 -1.17 4.11 0.77
CA GLU A 89 -1.06 5.55 0.81
C GLU A 89 0.33 5.91 1.32
N GLN A 90 0.90 6.95 0.76
CA GLN A 90 2.20 7.43 1.21
C GLN A 90 2.00 8.84 1.72
N THR A 91 2.20 9.06 3.02
CA THR A 91 1.87 10.36 3.63
C THR A 91 3.14 11.00 4.19
N ALA A 92 3.16 12.33 4.16
CA ALA A 92 4.27 13.07 4.77
C ALA A 92 3.85 14.51 5.01
N GLU A 93 4.58 15.20 5.89
CA GLU A 93 4.37 16.64 6.05
C GLU A 93 5.47 17.35 5.27
N ILE A 94 5.08 18.13 4.26
CA ILE A 94 6.00 18.81 3.35
C ILE A 94 5.85 20.31 3.50
N LYS A 95 6.95 21.04 3.40
CA LYS A 95 6.92 22.50 3.44
C LYS A 95 6.73 23.05 2.01
N ALA A 96 5.69 23.85 1.80
CA ALA A 96 5.46 24.47 0.51
C ALA A 96 6.27 25.77 0.41
N HIS A 97 6.26 26.37 -0.77
CA HIS A 97 7.12 27.53 -1.02
C HIS A 97 6.80 28.69 -0.07
N ASP A 98 5.54 28.85 0.36
CA ASP A 98 5.21 29.96 1.25
C ASP A 98 5.27 29.58 2.72
N GLY A 99 5.75 28.37 3.03
CA GLY A 99 5.89 27.96 4.41
C GLY A 99 4.72 27.19 4.97
N THR A 100 3.65 27.02 4.22
CA THR A 100 2.56 26.16 4.64
C THR A 100 3.06 24.72 4.76
N MET A 101 2.74 24.03 5.87
CA MET A 101 2.95 22.59 5.95
C MET A 101 1.73 21.89 5.39
N LEU A 102 1.95 21.07 4.38
CA LEU A 102 0.92 20.33 3.69
C LEU A 102 1.03 18.87 4.07
N PRO A 103 -0.09 18.23 4.38
CA PRO A 103 -0.17 16.77 4.61
C PRO A 103 -0.25 16.03 3.28
N MET A 104 0.92 15.84 2.66
CA MET A 104 1.00 15.16 1.37
C MET A 104 0.46 13.74 1.49
N ARG A 105 -0.33 13.30 0.49
CA ARG A 105 -0.98 11.98 0.47
C ARG A 105 -0.93 11.42 -0.96
N ASN A 106 0.16 10.74 -1.31
CA ASN A 106 0.25 10.00 -2.57
C ASN A 106 -0.54 8.70 -2.46
N ILE A 107 -1.18 8.31 -3.56
CA ILE A 107 -2.00 7.12 -3.61
C ILE A 107 -1.37 6.14 -4.61
N ILE A 108 -1.02 4.93 -4.15
CA ILE A 108 -0.32 3.98 -5.01
C ILE A 108 -1.14 2.72 -5.14
N ALA A 109 -1.55 2.39 -6.35
CA ALA A 109 -2.40 1.23 -6.60
C ALA A 109 -1.66 0.26 -7.51
N SER A 110 -1.65 -1.04 -7.15
CA SER A 110 -0.86 -2.02 -7.89
C SER A 110 -1.69 -3.22 -8.30
N TYR A 111 -1.44 -3.69 -9.52
CA TYR A 111 -1.85 -4.99 -10.02
C TYR A 111 -0.62 -5.87 -10.19
N ARG A 112 -0.77 -7.15 -9.78
CA ARG A 112 0.31 -8.15 -9.75
C ARG A 112 1.56 -7.59 -9.08
N PRO A 113 1.48 -7.24 -7.78
CA PRO A 113 2.59 -6.54 -7.12
C PRO A 113 3.88 -7.36 -7.09
N GLU A 114 3.81 -8.68 -7.23
CA GLU A 114 5.01 -9.51 -7.22
C GLU A 114 5.76 -9.49 -8.57
N ALA A 115 5.15 -9.00 -9.65
CA ALA A 115 5.80 -9.12 -10.96
C ALA A 115 6.99 -8.16 -11.06
N THR A 116 8.09 -8.63 -11.66
CA THR A 116 9.27 -7.78 -11.83
C THR A 116 9.17 -6.86 -13.05
N GLY A 117 8.45 -7.26 -14.10
CA GLY A 117 8.27 -6.38 -15.26
C GLY A 117 7.00 -5.59 -15.05
N ARG A 118 7.10 -4.27 -14.98
CA ARG A 118 5.99 -3.43 -14.56
C ARG A 118 5.88 -2.23 -15.49
N MET A 119 4.65 -1.70 -15.59
CA MET A 119 4.32 -0.49 -16.31
C MET A 119 3.76 0.50 -15.29
N LEU A 120 4.12 1.75 -15.44
CA LEU A 120 3.77 2.80 -14.50
C LEU A 120 2.87 3.83 -15.19
N LEU A 121 1.72 4.13 -14.57
CA LEU A 121 0.79 5.16 -15.04
C LEU A 121 0.59 6.19 -13.92
N MET A 122 0.54 7.49 -14.28
CA MET A 122 0.58 8.55 -13.28
C MET A 122 -0.40 9.69 -13.57
N ALA A 123 -0.83 10.37 -12.50
CA ALA A 123 -1.56 11.63 -12.66
C ALA A 123 -1.51 12.38 -11.32
N HIS A 124 -1.68 13.72 -11.32
CA HIS A 124 -1.78 14.39 -10.03
C HIS A 124 -3.25 14.58 -9.68
N TRP A 125 -3.58 14.54 -8.37
CA TRP A 125 -4.99 14.56 -7.97
C TRP A 125 -5.40 15.78 -7.14
N ASP A 126 -4.45 16.60 -6.74
CA ASP A 126 -4.75 17.85 -6.02
C ASP A 126 -5.23 18.95 -6.99
N THR A 127 -5.88 19.98 -6.43
CA THR A 127 -6.29 21.17 -7.17
C THR A 127 -5.46 22.34 -6.67
N ARG A 128 -4.97 23.17 -7.60
CA ARG A 128 -4.29 24.41 -7.21
C ARG A 128 -5.25 25.27 -6.35
N PRO A 129 -4.77 25.88 -5.27
CA PRO A 129 -5.70 26.58 -4.35
C PRO A 129 -6.38 27.85 -4.93
N VAL A 130 -5.85 28.47 -5.98
CA VAL A 130 -6.42 29.72 -6.47
C VAL A 130 -6.36 29.74 -8.00
N CYS A 131 -7.38 30.30 -8.64
CA CYS A 131 -7.38 30.41 -10.10
C CYS A 131 -6.70 31.72 -10.49
N ASP A 132 -5.37 31.74 -10.27
CA ASP A 132 -4.57 32.97 -10.42
C ASP A 132 -4.12 33.22 -11.86
N GLN A 133 -4.74 32.57 -12.83
CA GLN A 133 -4.63 33.00 -14.21
C GLN A 133 -5.95 33.52 -14.77
N ASP A 134 -6.97 33.72 -13.92
CA ASP A 134 -8.26 34.17 -14.43
C ASP A 134 -8.12 35.49 -15.13
N ALA A 135 -8.95 35.66 -16.16
CA ALA A 135 -8.95 36.91 -16.88
C ALA A 135 -9.42 38.08 -16.00
N ASN A 136 -10.20 37.79 -14.95
CA ASN A 136 -10.65 38.82 -14.02
C ASN A 136 -9.69 38.85 -12.83
N PRO A 137 -8.86 39.88 -12.67
CA PRO A 137 -7.89 39.84 -11.57
C PRO A 137 -8.53 39.68 -10.18
N ALA A 138 -9.79 40.09 -10.01
CA ALA A 138 -10.51 39.91 -8.74
C ALA A 138 -10.67 38.45 -8.35
N MET A 139 -10.52 37.52 -9.29
CA MET A 139 -10.67 36.11 -9.01
C MET A 139 -9.36 35.46 -8.60
N HIS A 140 -8.24 36.19 -8.65
CA HIS A 140 -6.98 35.47 -8.44
C HIS A 140 -6.83 34.90 -7.02
N THR A 141 -7.64 35.33 -6.05
CA THR A 141 -7.58 34.81 -4.69
C THR A 141 -8.62 33.72 -4.42
N GLU A 142 -9.45 33.38 -5.40
CA GLU A 142 -10.56 32.46 -5.23
C GLU A 142 -10.18 31.06 -5.67
N THR A 143 -11.07 30.09 -5.39
CA THR A 143 -10.91 28.66 -5.70
C THR A 143 -11.62 28.35 -7.02
N PHE A 144 -11.28 27.20 -7.60
CA PHE A 144 -11.89 26.75 -8.86
C PHE A 144 -11.91 25.22 -8.85
N ASP A 145 -12.62 24.64 -9.82
CA ASP A 145 -13.00 23.23 -9.71
C ASP A 145 -11.85 22.27 -10.04
N GLY A 146 -10.89 22.69 -10.86
CA GLY A 146 -9.86 21.76 -11.29
C GLY A 146 -10.37 20.54 -12.06
N ALA A 147 -11.38 20.71 -12.91
CA ALA A 147 -11.96 19.56 -13.63
C ALA A 147 -10.95 18.95 -14.61
N ASP A 148 -10.27 19.78 -15.42
CA ASP A 148 -9.24 19.25 -16.32
C ASP A 148 -7.91 19.06 -15.61
N ASP A 149 -7.48 20.06 -14.86
CA ASP A 149 -6.17 20.11 -14.22
C ASP A 149 -6.33 19.40 -12.87
N GLY A 150 -6.12 18.08 -12.88
CA GLY A 150 -6.41 17.23 -11.72
C GLY A 150 -7.49 16.19 -12.07
N GLY A 151 -8.72 16.60 -12.28
CA GLY A 151 -9.78 15.61 -12.50
C GLY A 151 -9.56 14.69 -13.69
N SER A 152 -9.16 15.24 -14.87
CA SER A 152 -9.20 14.46 -16.13
C SER A 152 -8.23 13.26 -16.08
N GLY A 153 -6.96 13.48 -15.68
CA GLY A 153 -5.98 12.38 -15.66
C GLY A 153 -6.36 11.28 -14.67
N VAL A 154 -6.82 11.68 -13.47
CA VAL A 154 -7.32 10.71 -12.49
C VAL A 154 -8.53 9.96 -13.07
N GLY A 155 -9.47 10.67 -13.68
CA GLY A 155 -10.64 10.01 -14.22
C GLY A 155 -10.31 8.97 -15.29
N VAL A 156 -9.43 9.34 -16.21
CA VAL A 156 -8.98 8.37 -17.20
C VAL A 156 -8.36 7.14 -16.53
N LEU A 157 -7.46 7.36 -15.56
CA LEU A 157 -6.80 6.21 -14.90
C LEU A 157 -7.75 5.38 -14.03
N LEU A 158 -8.76 5.98 -13.40
CA LEU A 158 -9.76 5.18 -12.71
C LEU A 158 -10.49 4.26 -13.68
N GLU A 159 -10.79 4.76 -14.89
CA GLU A 159 -11.45 3.89 -15.85
C GLU A 159 -10.53 2.77 -16.36
N ILE A 160 -9.23 3.10 -16.58
CA ILE A 160 -8.28 2.03 -16.89
C ILE A 160 -8.18 1.01 -15.75
N ALA A 161 -8.17 1.47 -14.49
CA ALA A 161 -8.18 0.54 -13.35
C ALA A 161 -9.39 -0.37 -13.41
N ARG A 162 -10.57 0.19 -13.73
CA ARG A 162 -11.79 -0.62 -13.81
C ARG A 162 -11.61 -1.71 -14.85
N TYR A 163 -11.02 -1.35 -15.99
CA TYR A 163 -10.70 -2.31 -17.04
C TYR A 163 -9.72 -3.38 -16.56
N LEU A 164 -8.64 -2.96 -15.90
CA LEU A 164 -7.61 -3.92 -15.48
C LEU A 164 -8.16 -4.92 -14.48
N GLY A 165 -8.96 -4.44 -13.52
CA GLY A 165 -9.53 -5.36 -12.54
C GLY A 165 -10.38 -6.46 -13.13
N GLN A 166 -10.85 -6.31 -14.38
CA GLN A 166 -11.66 -7.34 -15.02
C GLN A 166 -10.83 -8.34 -15.80
N GLN A 167 -9.52 -8.14 -15.93
CA GLN A 167 -8.70 -9.07 -16.69
C GLN A 167 -8.38 -10.28 -15.83
N LYS A 168 -8.38 -11.42 -16.47
CA LYS A 168 -8.23 -12.72 -15.84
C LYS A 168 -6.77 -13.09 -15.67
N ASP A 169 -5.88 -12.46 -16.42
CA ASP A 169 -4.44 -12.66 -16.25
C ASP A 169 -3.73 -11.48 -16.90
N LEU A 170 -3.21 -10.57 -16.09
CA LEU A 170 -2.36 -9.51 -16.62
C LEU A 170 -0.99 -10.04 -17.02
N GLY A 171 -0.47 -9.56 -18.16
CA GLY A 171 0.83 -10.01 -18.63
C GLY A 171 2.04 -9.27 -18.06
N MET A 172 1.80 -8.21 -17.29
CA MET A 172 2.83 -7.47 -16.58
C MET A 172 2.20 -6.91 -15.30
N GLY A 173 3.04 -6.49 -14.36
CA GLY A 173 2.56 -5.68 -13.27
C GLY A 173 2.23 -4.28 -13.75
N ILE A 174 1.23 -3.65 -13.12
CA ILE A 174 0.84 -2.30 -13.48
C ILE A 174 0.71 -1.51 -12.18
N ASP A 175 1.31 -0.34 -12.11
CA ASP A 175 1.13 0.58 -10.98
C ASP A 175 0.45 1.86 -11.47
N ILE A 176 -0.56 2.28 -10.74
CA ILE A 176 -1.21 3.57 -10.96
C ILE A 176 -0.90 4.45 -9.75
N VAL A 177 -0.26 5.58 -9.97
CA VAL A 177 0.12 6.47 -8.86
C VAL A 177 -0.58 7.82 -9.05
N PHE A 178 -1.29 8.25 -8.05
CA PHE A 178 -1.87 9.59 -8.02
C PHE A 178 -1.02 10.42 -7.08
N PHE A 179 -0.31 11.39 -7.65
CA PHE A 179 0.55 12.27 -6.86
C PHE A 179 -0.26 13.40 -6.23
N ASP A 180 0.06 13.71 -4.99
CA ASP A 180 -0.47 14.90 -4.30
C ASP A 180 0.45 16.13 -4.57
N THR A 181 -0.05 17.30 -4.17
CA THR A 181 0.71 18.53 -4.02
C THR A 181 1.60 18.83 -5.25
N GLU A 182 1.05 18.59 -6.46
CA GLU A 182 1.70 18.98 -7.71
C GLU A 182 1.54 20.49 -7.99
N ASP A 183 0.42 21.08 -7.54
CA ASP A 183 -0.09 22.32 -8.12
C ASP A 183 -0.17 23.47 -7.12
N TYR A 184 0.65 23.40 -6.07
CA TYR A 184 0.72 24.38 -4.99
C TYR A 184 1.93 25.31 -5.12
N GLY A 185 2.55 25.39 -6.32
CA GLY A 185 3.81 26.09 -6.51
C GLY A 185 3.64 27.57 -6.81
N SER A 186 4.80 28.19 -7.11
CA SER A 186 4.91 29.61 -7.45
C SER A 186 5.58 29.72 -8.83
N TYR A 187 5.08 30.62 -9.68
CA TYR A 187 5.53 30.59 -11.08
C TYR A 187 7.03 30.84 -11.26
N GLY A 188 7.66 31.66 -10.43
CA GLY A 188 9.08 31.70 -10.77
C GLY A 188 9.98 30.51 -10.32
N ASP A 189 9.42 29.47 -9.68
CA ASP A 189 10.15 28.50 -8.84
C ASP A 189 9.87 27.01 -9.14
N ASP A 190 10.69 26.39 -10.01
CA ASP A 190 10.37 25.03 -10.50
C ASP A 190 10.30 23.97 -9.38
N GLU A 191 11.20 24.07 -8.37
CA GLU A 191 11.17 23.09 -7.29
C GLU A 191 9.92 23.20 -6.42
N SER A 192 9.13 24.28 -6.53
CA SER A 192 7.93 24.46 -5.72
C SER A 192 6.73 23.67 -6.24
N TRP A 193 6.82 23.06 -7.43
CA TRP A 193 5.79 22.25 -8.05
C TRP A 193 6.12 20.75 -7.88
N CYS A 194 5.14 19.90 -8.19
CA CYS A 194 5.40 18.46 -8.23
C CYS A 194 6.02 17.96 -6.92
N LEU A 195 5.51 18.44 -5.78
CA LEU A 195 6.15 18.04 -4.53
C LEU A 195 5.92 16.54 -4.23
N GLY A 196 4.79 15.99 -4.65
CA GLY A 196 4.43 14.60 -4.36
C GLY A 196 5.23 13.62 -5.20
N SER A 197 5.45 13.96 -6.48
CA SER A 197 6.31 13.14 -7.32
C SER A 197 7.78 13.24 -6.93
N GLN A 198 8.28 14.43 -6.55
CA GLN A 198 9.64 14.51 -6.01
C GLN A 198 9.80 13.59 -4.78
N TYR A 199 8.83 13.67 -3.85
CA TYR A 199 8.91 12.81 -2.67
C TYR A 199 8.90 11.33 -3.06
N TRP A 200 7.94 10.92 -3.90
CA TRP A 200 7.80 9.50 -4.22
C TRP A 200 9.01 8.97 -4.97
N SER A 201 9.50 9.70 -5.99
CA SER A 201 10.63 9.22 -6.76
C SER A 201 11.88 9.14 -5.92
N ARG A 202 12.01 9.98 -4.86
CA ARG A 202 13.19 9.83 -4.00
C ARG A 202 13.02 8.78 -2.90
N ASN A 203 11.78 8.44 -2.56
CA ASN A 203 11.46 7.53 -1.44
C ASN A 203 10.34 6.63 -1.93
N PRO A 204 10.60 5.75 -2.90
CA PRO A 204 9.51 4.96 -3.50
C PRO A 204 9.06 3.86 -2.52
N HIS A 205 7.92 3.22 -2.84
CA HIS A 205 7.27 2.24 -1.95
C HIS A 205 7.96 0.86 -1.99
N VAL A 206 8.83 0.61 -2.96
CA VAL A 206 9.70 -0.57 -2.94
C VAL A 206 11.12 -0.08 -3.22
N ALA A 207 12.13 -0.68 -2.58
CA ALA A 207 13.47 -0.15 -2.72
C ALA A 207 13.99 -0.33 -4.15
N GLY A 208 14.42 0.75 -4.78
CA GLY A 208 14.95 0.65 -6.13
C GLY A 208 13.89 0.41 -7.19
N TYR A 209 12.64 0.80 -6.90
CA TYR A 209 11.51 0.48 -7.77
C TYR A 209 11.84 0.70 -9.23
N LYS A 210 11.45 -0.26 -10.07
CA LYS A 210 11.64 -0.06 -11.50
C LYS A 210 10.34 -0.42 -12.24
N ALA A 211 10.05 0.31 -13.31
CA ALA A 211 9.05 -0.02 -14.31
C ALA A 211 9.74 0.13 -15.65
N GLU A 212 9.24 -0.56 -16.66
CA GLU A 212 9.93 -0.48 -17.94
C GLU A 212 9.61 0.79 -18.69
N ALA A 213 8.48 1.42 -18.35
CA ALA A 213 7.95 2.59 -19.00
C ALA A 213 6.97 3.26 -18.05
N GLY A 214 6.76 4.55 -18.26
CA GLY A 214 5.87 5.30 -17.42
C GLY A 214 5.08 6.30 -18.25
N ILE A 215 3.77 6.43 -18.04
CA ILE A 215 2.97 7.39 -18.80
C ILE A 215 2.27 8.30 -17.79
N LEU A 216 2.48 9.59 -17.92
CA LEU A 216 1.82 10.59 -17.08
C LEU A 216 0.72 11.23 -17.91
N LEU A 217 -0.49 11.36 -17.34
CA LEU A 217 -1.62 12.07 -17.95
C LEU A 217 -1.86 13.34 -17.16
N ASP A 218 -1.78 14.50 -17.82
CA ASP A 218 -2.02 15.78 -17.17
C ASP A 218 -2.86 16.66 -18.12
N MET A 219 -4.11 17.01 -17.74
CA MET A 219 -4.99 17.85 -18.59
C MET A 219 -5.28 17.18 -19.94
N VAL A 220 -6.04 16.09 -19.84
CA VAL A 220 -6.33 15.21 -20.95
C VAL A 220 -7.85 15.13 -21.19
N GLY A 221 -8.58 16.19 -20.83
CA GLY A 221 -10.03 16.12 -20.96
C GLY A 221 -10.72 17.27 -21.67
N ALA A 222 -9.99 18.34 -21.97
CA ALA A 222 -10.64 19.55 -22.49
C ALA A 222 -10.93 19.42 -23.98
N LYS A 223 -12.10 19.95 -24.37
CA LYS A 223 -12.42 20.08 -25.79
C LYS A 223 -11.28 20.75 -26.56
N GLY A 224 -10.91 20.16 -27.72
CA GLY A 224 -9.88 20.75 -28.58
C GLY A 224 -8.45 20.52 -28.11
N ALA A 225 -8.23 19.70 -27.09
CA ALA A 225 -6.86 19.51 -26.58
C ALA A 225 -5.91 19.06 -27.70
N THR A 226 -4.63 19.47 -27.58
CA THR A 226 -3.59 19.09 -28.55
C THR A 226 -2.45 18.47 -27.74
N PHE A 227 -2.13 17.19 -28.03
CA PHE A 227 -1.04 16.47 -27.37
C PHE A 227 0.13 16.41 -28.37
N TYR A 228 1.09 17.34 -28.24
CA TYR A 228 2.33 17.37 -29.02
C TYR A 228 3.44 16.62 -28.24
N TRP A 229 4.62 16.42 -28.87
CA TRP A 229 5.73 15.77 -28.13
C TRP A 229 6.26 16.71 -27.06
N GLU A 230 6.14 16.36 -25.81
CA GLU A 230 6.72 17.19 -24.78
C GLU A 230 8.23 16.92 -24.80
N TYR A 231 9.04 17.97 -24.61
CA TYR A 231 10.48 17.88 -24.89
C TYR A 231 11.16 16.85 -23.99
N PHE A 232 10.93 16.90 -22.67
CA PHE A 232 11.71 15.99 -21.84
C PHE A 232 11.30 14.54 -22.11
N SER A 233 10.01 14.34 -22.38
CA SER A 233 9.47 13.05 -22.80
C SER A 233 10.21 12.53 -24.03
N LYS A 234 10.38 13.40 -25.01
CA LYS A 234 11.00 12.98 -26.28
C LYS A 234 12.51 12.75 -26.13
N SER A 235 13.17 13.58 -25.33
CA SER A 235 14.62 13.48 -25.14
C SER A 235 14.99 12.22 -24.37
N TYR A 236 14.15 11.82 -23.40
CA TYR A 236 14.53 10.70 -22.56
C TYR A 236 13.84 9.39 -22.91
N ALA A 237 12.75 9.42 -23.66
CA ALA A 237 11.95 8.24 -23.95
C ALA A 237 11.45 8.30 -25.40
N PRO A 238 12.36 8.45 -26.37
CA PRO A 238 11.90 8.51 -27.78
C PRO A 238 11.15 7.27 -28.23
N GLY A 239 11.59 6.05 -27.83
CA GLY A 239 10.87 4.84 -28.22
C GLY A 239 9.44 4.81 -27.69
N LEU A 240 9.26 5.24 -26.44
CA LEU A 240 7.94 5.24 -25.83
C LEU A 240 7.03 6.29 -26.46
N ILE A 241 7.55 7.49 -26.70
CA ILE A 241 6.70 8.52 -27.28
C ILE A 241 6.29 8.11 -28.69
N SER A 242 7.24 7.52 -29.44
CA SER A 242 6.93 6.99 -30.77
C SER A 242 5.85 5.89 -30.71
N ALA A 243 6.01 4.87 -29.83
CA ALA A 243 5.01 3.80 -29.73
C ALA A 243 3.63 4.34 -29.34
N VAL A 244 3.57 5.26 -28.37
CA VAL A 244 2.25 5.78 -27.97
C VAL A 244 1.61 6.61 -29.09
N TRP A 245 2.36 7.55 -29.69
CA TRP A 245 1.79 8.38 -30.76
C TRP A 245 1.42 7.54 -32.00
N GLN A 246 2.17 6.47 -32.27
CA GLN A 246 1.87 5.60 -33.41
C GLN A 246 0.62 4.75 -33.12
N THR A 247 0.45 4.33 -31.87
CA THR A 247 -0.77 3.63 -31.48
C THR A 247 -1.99 4.53 -31.67
N ALA A 248 -1.91 5.75 -31.14
CA ALA A 248 -2.98 6.74 -31.36
C ALA A 248 -3.26 6.96 -32.85
N ALA A 249 -2.20 7.12 -33.66
CA ALA A 249 -2.42 7.27 -35.10
C ALA A 249 -3.21 6.08 -35.68
N ALA A 250 -2.82 4.85 -35.31
CA ALA A 250 -3.50 3.67 -35.85
C ALA A 250 -4.95 3.61 -35.39
N LEU A 251 -5.26 4.18 -34.24
CA LEU A 251 -6.66 4.18 -33.80
C LEU A 251 -7.51 5.28 -34.43
N GLY A 252 -6.92 6.17 -35.21
CA GLY A 252 -7.62 7.31 -35.78
C GLY A 252 -7.58 8.60 -34.97
N TYR A 253 -6.64 8.75 -34.05
CA TYR A 253 -6.59 9.91 -33.15
C TYR A 253 -5.44 10.86 -33.45
N GLY A 254 -4.97 10.88 -34.71
CA GLY A 254 -3.98 11.86 -35.13
C GLY A 254 -4.45 13.31 -35.11
N ASN A 255 -5.75 13.54 -34.94
CA ASN A 255 -6.28 14.88 -34.71
C ASN A 255 -6.05 15.36 -33.26
N TYR A 256 -5.69 14.45 -32.35
CA TYR A 256 -5.34 14.76 -30.97
C TYR A 256 -3.85 14.58 -30.66
N PHE A 257 -3.29 13.45 -31.08
CA PHE A 257 -1.87 13.14 -30.87
C PHE A 257 -1.06 13.59 -32.08
N ILE A 258 -0.48 14.80 -32.01
CA ILE A 258 0.19 15.42 -33.16
C ILE A 258 1.67 15.09 -33.14
N GLN A 259 2.22 14.64 -34.27
CA GLN A 259 3.63 14.25 -34.33
C GLN A 259 4.49 15.47 -34.63
N ALA A 260 4.60 16.35 -33.63
CA ALA A 260 5.39 17.57 -33.78
C ALA A 260 5.83 17.99 -32.39
N ASP A 261 6.88 18.82 -32.33
CA ASP A 261 7.37 19.26 -31.02
C ASP A 261 6.35 20.12 -30.29
N GLY A 262 6.21 19.88 -28.98
CA GLY A 262 5.40 20.73 -28.12
C GLY A 262 6.21 21.59 -27.15
N GLY A 263 5.92 21.49 -25.87
CA GLY A 263 6.63 22.35 -24.93
C GLY A 263 7.66 21.56 -24.14
N ALA A 264 8.61 22.26 -23.48
CA ALA A 264 9.46 21.65 -22.45
C ALA A 264 8.80 21.97 -21.11
N LEU A 265 8.12 20.98 -20.55
CA LEU A 265 7.23 21.18 -19.41
C LEU A 265 7.79 20.41 -18.20
N THR A 266 8.11 21.12 -17.12
CA THR A 266 8.43 20.42 -15.89
C THR A 266 7.11 19.97 -15.29
N ASP A 267 7.03 18.68 -15.02
CA ASP A 267 5.79 18.03 -14.60
C ASP A 267 6.21 16.80 -13.82
N ASP A 268 5.22 16.04 -13.32
CA ASP A 268 5.48 14.95 -12.42
C ASP A 268 6.38 13.88 -13.03
N HIS A 269 6.51 13.82 -14.36
CA HIS A 269 7.35 12.77 -14.95
C HIS A 269 8.86 13.06 -14.82
N VAL A 270 9.25 14.30 -14.65
CA VAL A 270 10.66 14.67 -14.63
C VAL A 270 11.35 14.13 -13.37
N PRO A 271 10.80 14.32 -12.17
CA PRO A 271 11.43 13.66 -11.01
C PRO A 271 11.51 12.14 -11.16
N VAL A 272 10.55 11.52 -11.84
CA VAL A 272 10.61 10.06 -11.98
C VAL A 272 11.79 9.66 -12.89
N ILE A 273 11.94 10.35 -14.02
CA ILE A 273 13.09 10.15 -14.92
C ILE A 273 14.39 10.35 -14.18
N LYS A 274 14.53 11.50 -13.49
CA LYS A 274 15.82 11.84 -12.91
C LYS A 274 16.18 10.92 -11.74
N ASN A 275 15.21 10.60 -10.86
CA ASN A 275 15.59 9.91 -9.63
C ASN A 275 15.40 8.40 -9.71
N LEU A 276 14.55 7.90 -10.62
CA LEU A 276 14.36 6.46 -10.77
C LEU A 276 14.83 5.92 -12.11
N GLY A 277 15.11 6.79 -13.09
CA GLY A 277 15.71 6.32 -14.33
C GLY A 277 14.72 5.58 -15.21
N ILE A 278 13.44 5.78 -14.98
CA ILE A 278 12.36 5.12 -15.72
C ILE A 278 12.01 6.01 -16.92
N PRO A 279 11.96 5.51 -18.14
CA PRO A 279 11.60 6.38 -19.29
C PRO A 279 10.13 6.69 -19.22
N CYS A 280 9.82 7.98 -19.10
CA CYS A 280 8.44 8.41 -18.91
C CYS A 280 8.11 9.43 -19.95
N ILE A 281 6.85 9.44 -20.35
CA ILE A 281 6.32 10.50 -21.22
C ILE A 281 5.15 11.19 -20.51
N ASP A 282 4.83 12.41 -20.97
CA ASP A 282 3.72 13.21 -20.46
C ASP A 282 2.75 13.50 -21.60
N ILE A 283 1.53 13.08 -21.45
CA ILE A 283 0.44 13.39 -22.39
C ILE A 283 -0.29 14.57 -21.79
N ILE A 284 -0.17 15.74 -22.43
CA ILE A 284 -0.63 16.97 -21.77
C ILE A 284 -1.08 17.96 -22.84
N ASN A 285 -2.23 18.58 -22.61
CA ASN A 285 -2.79 19.60 -23.50
C ASN A 285 -1.93 20.84 -23.46
N TYR A 286 -1.18 21.06 -24.54
CA TYR A 286 -0.28 22.21 -24.57
C TYR A 286 0.01 22.51 -26.04
N SER A 287 0.06 23.79 -26.39
CA SER A 287 0.55 24.22 -27.69
C SER A 287 1.16 25.61 -27.59
N SER A 288 2.29 25.82 -28.26
CA SER A 288 2.85 27.15 -28.28
C SER A 288 1.94 28.17 -28.96
N LYS A 289 0.91 27.71 -29.70
CA LYS A 289 -0.05 28.66 -30.30
C LYS A 289 -1.01 29.24 -29.25
N ASN A 290 -1.12 28.60 -28.09
CA ASN A 290 -1.98 29.10 -27.02
C ASN A 290 -1.31 30.25 -26.29
N GLU A 291 -2.16 31.21 -25.90
CA GLU A 291 -1.69 32.38 -25.16
C GLU A 291 -0.82 32.01 -23.96
N HIS A 292 -1.24 31.03 -23.14
CA HIS A 292 -0.43 30.60 -22.01
C HIS A 292 0.14 29.23 -22.22
N GLY A 293 0.18 28.76 -23.45
CA GLY A 293 0.73 27.44 -23.73
C GLY A 293 -0.28 26.37 -23.40
N PHE A 294 -0.61 26.28 -22.10
CA PHE A 294 -1.71 25.43 -21.66
C PHE A 294 -3.01 25.95 -22.27
N GLY A 295 -4.06 25.10 -22.27
CA GLY A 295 -5.37 25.57 -22.69
C GLY A 295 -5.83 26.84 -21.97
N ASP A 296 -6.71 27.60 -22.62
CA ASP A 296 -7.17 28.89 -22.12
C ASP A 296 -7.87 28.82 -20.76
N HIS A 297 -8.42 27.65 -20.38
CA HIS A 297 -9.06 27.44 -19.07
C HIS A 297 -8.07 27.27 -17.91
N TRP A 298 -6.78 27.10 -18.21
CA TRP A 298 -5.82 26.65 -17.21
C TRP A 298 -5.68 27.66 -16.06
N HIS A 299 -5.92 27.22 -14.83
CA HIS A 299 -5.89 28.07 -13.63
C HIS A 299 -6.85 29.26 -13.72
N THR A 300 -7.98 29.07 -14.34
CA THR A 300 -9.07 30.04 -14.34
C THR A 300 -10.31 29.34 -13.79
N GLN A 301 -11.33 30.17 -13.57
CA GLN A 301 -12.62 29.68 -13.13
C GLN A 301 -13.30 28.78 -14.18
N ARG A 302 -12.93 28.93 -15.47
CA ARG A 302 -13.46 28.10 -16.55
C ARG A 302 -12.92 26.67 -16.59
N ASP A 303 -11.95 26.30 -15.76
CA ASP A 303 -11.56 24.88 -15.66
C ASP A 303 -12.56 24.15 -14.76
N ASN A 304 -13.70 23.82 -15.34
CA ASN A 304 -14.85 23.28 -14.64
C ASN A 304 -15.48 22.24 -15.57
N MET A 305 -16.56 21.58 -15.16
CA MET A 305 -17.06 20.47 -15.96
C MET A 305 -17.50 20.89 -17.35
N GLN A 306 -17.87 22.16 -17.56
CA GLN A 306 -18.31 22.51 -18.92
C GLN A 306 -17.19 22.46 -19.98
N ILE A 307 -15.89 22.47 -19.62
CA ILE A 307 -14.89 22.36 -20.71
C ILE A 307 -14.46 20.93 -21.02
N ILE A 308 -14.99 19.94 -20.30
CA ILE A 308 -14.60 18.55 -20.47
C ILE A 308 -15.30 17.95 -21.69
N ASP A 309 -14.56 17.18 -22.47
CA ASP A 309 -15.07 16.58 -23.71
C ASP A 309 -14.85 15.07 -23.65
N LYS A 310 -15.96 14.31 -23.64
CA LYS A 310 -15.91 12.84 -23.58
C LYS A 310 -15.01 12.25 -24.68
N ASN A 311 -15.02 12.85 -25.88
CA ASN A 311 -14.25 12.32 -27.00
C ASN A 311 -12.76 12.49 -26.78
N VAL A 312 -12.34 13.53 -26.04
CA VAL A 312 -10.93 13.69 -25.69
C VAL A 312 -10.50 12.63 -24.65
N LEU A 313 -11.31 12.47 -23.57
CA LEU A 313 -11.07 11.40 -22.61
C LEU A 313 -10.99 10.04 -23.31
N ASP A 314 -11.90 9.77 -24.26
CA ASP A 314 -11.89 8.51 -24.99
C ASP A 314 -10.62 8.35 -25.83
N ALA A 315 -10.21 9.39 -26.55
CA ALA A 315 -9.00 9.23 -27.37
C ALA A 315 -7.80 8.84 -26.50
N VAL A 316 -7.67 9.48 -25.33
CA VAL A 316 -6.54 9.19 -24.47
C VAL A 316 -6.68 7.79 -23.85
N GLY A 317 -7.86 7.47 -23.30
CA GLY A 317 -8.07 6.16 -22.67
C GLY A 317 -7.91 4.98 -23.61
N GLU A 318 -8.52 5.06 -24.81
CA GLU A 318 -8.39 3.99 -25.80
C GLU A 318 -6.93 3.80 -26.25
N THR A 319 -6.20 4.92 -26.50
CA THR A 319 -4.78 4.79 -26.86
C THR A 319 -4.00 4.09 -25.76
N VAL A 320 -4.20 4.52 -24.48
CA VAL A 320 -3.43 3.93 -23.38
C VAL A 320 -3.74 2.44 -23.22
N ILE A 321 -5.02 2.08 -23.25
CA ILE A 321 -5.38 0.67 -23.12
C ILE A 321 -4.78 -0.17 -24.26
N ARG A 322 -4.88 0.31 -25.50
CA ARG A 322 -4.29 -0.42 -26.62
C ARG A 322 -2.79 -0.60 -26.44
N TYR A 323 -2.08 0.47 -26.08
CA TYR A 323 -0.64 0.34 -25.86
C TYR A 323 -0.36 -0.70 -24.78
N LEU A 324 -1.10 -0.65 -23.65
CA LEU A 324 -0.90 -1.61 -22.57
C LEU A 324 -1.13 -3.05 -23.04
N ASP A 325 -2.23 -3.28 -23.74
CA ASP A 325 -2.54 -4.62 -24.21
C ASP A 325 -1.47 -5.12 -25.17
N GLU A 326 -0.93 -4.23 -26.00
CA GLU A 326 0.09 -4.66 -26.94
C GLU A 326 1.45 -4.90 -26.29
N GLN A 327 1.66 -4.48 -25.02
CA GLN A 327 2.92 -4.87 -24.38
C GLN A 327 2.94 -6.34 -23.96
N VAL A 328 1.78 -6.99 -23.89
CA VAL A 328 1.75 -8.36 -23.38
C VAL A 328 1.24 -9.30 -24.48
N ALA B 41 -17.50 -13.40 -3.68
CA ALA B 41 -16.14 -13.57 -4.16
C ALA B 41 -15.15 -13.81 -3.00
N ASP B 42 -13.99 -13.15 -3.06
CA ASP B 42 -12.81 -13.44 -2.25
C ASP B 42 -12.69 -12.42 -1.08
N LEU B 43 -12.86 -12.89 0.19
CA LEU B 43 -12.93 -11.96 1.35
C LEU B 43 -11.58 -11.34 1.78
N PHE B 44 -10.47 -12.01 1.57
CA PHE B 44 -9.14 -11.59 2.00
C PHE B 44 -8.26 -11.32 0.78
N SER B 45 -7.80 -10.08 0.59
CA SER B 45 -7.04 -9.78 -0.63
C SER B 45 -5.59 -10.22 -0.45
N ALA B 46 -5.20 -11.30 -1.11
CA ALA B 46 -3.79 -11.71 -1.05
C ALA B 46 -2.84 -10.64 -1.65
N ASP B 47 -3.25 -9.95 -2.72
CA ASP B 47 -2.39 -8.90 -3.29
C ASP B 47 -2.13 -7.80 -2.27
N SER B 48 -3.18 -7.43 -1.55
CA SER B 48 -3.07 -6.36 -0.58
C SER B 48 -2.14 -6.75 0.57
N ALA B 49 -2.31 -7.98 1.07
CA ALA B 49 -1.44 -8.51 2.13
C ALA B 49 0.03 -8.54 1.69
N TYR B 50 0.27 -9.02 0.47
CA TYR B 50 1.62 -9.00 -0.09
C TYR B 50 2.20 -7.59 -0.13
N THR B 51 1.42 -6.59 -0.58
CA THR B 51 1.97 -5.23 -0.59
C THR B 51 2.22 -4.72 0.84
N PHE B 52 1.41 -5.13 1.84
CA PHE B 52 1.72 -4.74 3.24
C PHE B 52 3.07 -5.35 3.71
N VAL B 53 3.34 -6.59 3.32
CA VAL B 53 4.65 -7.18 3.62
C VAL B 53 5.77 -6.43 2.89
N GLN B 54 5.58 -6.19 1.59
CA GLN B 54 6.56 -5.46 0.82
C GLN B 54 6.87 -4.10 1.44
N ARG B 55 5.82 -3.37 1.88
CA ARG B 55 6.02 -2.03 2.43
C ARG B 55 6.82 -2.08 3.74
N GLN B 56 6.55 -3.06 4.61
CA GLN B 56 7.38 -3.23 5.81
C GLN B 56 8.84 -3.45 5.46
N VAL B 57 9.10 -4.37 4.53
CA VAL B 57 10.50 -4.61 4.16
C VAL B 57 11.14 -3.35 3.57
N ASN B 58 10.37 -2.52 2.84
CA ASN B 58 10.95 -1.36 2.16
C ASN B 58 11.52 -0.36 3.16
N PHE B 59 11.15 -0.45 4.45
CA PHE B 59 11.78 0.45 5.42
C PHE B 59 13.25 0.10 5.65
N GLY B 60 13.64 -1.16 5.45
CA GLY B 60 14.91 -1.66 5.98
C GLY B 60 14.58 -2.57 7.16
N PRO B 61 15.55 -3.26 7.70
CA PRO B 61 15.25 -4.19 8.82
C PRO B 61 14.63 -3.47 10.03
N ARG B 62 13.56 -4.03 10.58
CA ARG B 62 12.90 -3.38 11.72
C ARG B 62 13.58 -3.79 13.04
N ILE B 63 14.82 -3.36 13.18
CA ILE B 63 15.66 -3.75 14.31
C ILE B 63 15.37 -2.79 15.48
N PRO B 64 14.93 -3.29 16.63
CA PRO B 64 14.67 -2.41 17.77
C PRO B 64 15.83 -1.45 17.99
N GLY B 65 15.50 -0.16 18.20
CA GLY B 65 16.48 0.87 18.41
C GLY B 65 16.97 1.58 17.17
N THR B 66 16.53 1.19 15.97
CA THR B 66 17.03 1.82 14.75
C THR B 66 15.92 2.63 14.08
N ALA B 67 16.33 3.44 13.11
CA ALA B 67 15.44 4.37 12.42
C ALA B 67 14.39 3.65 11.56
N PRO B 68 14.76 2.59 10.82
CA PRO B 68 13.71 1.85 10.09
C PRO B 68 12.64 1.28 11.03
N HIS B 69 13.04 0.86 12.22
CA HIS B 69 12.06 0.40 13.21
C HIS B 69 11.08 1.53 13.55
N ARG B 70 11.60 2.73 13.87
CA ARG B 70 10.72 3.84 14.23
C ARG B 70 9.78 4.22 13.08
N ALA B 71 10.32 4.33 11.87
CA ALA B 71 9.49 4.70 10.71
C ALA B 71 8.43 3.63 10.43
N CYS B 72 8.79 2.36 10.48
CA CYS B 72 7.80 1.34 10.23
C CYS B 72 6.71 1.36 11.30
N GLY B 73 7.08 1.55 12.57
CA GLY B 73 6.06 1.63 13.62
C GLY B 73 5.11 2.80 13.41
N ASP B 74 5.65 3.95 13.03
CA ASP B 74 4.80 5.08 12.66
C ASP B 74 3.80 4.67 11.57
N TRP B 75 4.29 3.97 10.56
CA TRP B 75 3.42 3.58 9.45
C TRP B 75 2.37 2.53 9.89
N LEU B 76 2.75 1.57 10.73
CA LEU B 76 1.75 0.62 11.23
C LEU B 76 0.63 1.34 11.95
N VAL B 77 0.99 2.28 12.83
CA VAL B 77 -0.01 3.01 13.59
C VAL B 77 -0.94 3.80 12.64
N ALA B 78 -0.33 4.52 11.68
CA ALA B 78 -1.14 5.30 10.75
C ALA B 78 -2.08 4.40 9.93
N THR B 79 -1.60 3.23 9.52
CA THR B 79 -2.38 2.36 8.64
C THR B 79 -3.55 1.72 9.39
N LEU B 80 -3.28 1.25 10.62
CA LEU B 80 -4.37 0.74 11.48
C LEU B 80 -5.41 1.81 11.73
N ARG B 81 -4.98 3.07 11.96
CA ARG B 81 -5.99 4.13 12.16
C ARG B 81 -6.77 4.41 10.89
N SER B 82 -6.15 4.33 9.70
CA SER B 82 -6.93 4.52 8.47
C SER B 82 -7.92 3.37 8.23
N PHE B 83 -7.73 2.21 8.89
CA PHE B 83 -8.70 1.13 8.84
C PHE B 83 -9.74 1.17 10.00
N GLY B 84 -9.92 2.29 10.67
CA GLY B 84 -10.97 2.43 11.66
C GLY B 84 -10.67 1.93 13.07
N ALA B 85 -9.47 1.41 13.35
CA ALA B 85 -9.19 0.88 14.68
C ALA B 85 -8.84 2.02 15.65
N ALA B 86 -9.18 1.82 16.94
CA ALA B 86 -8.64 2.66 18.01
C ALA B 86 -7.24 2.16 18.35
N VAL B 87 -6.22 3.00 18.20
CA VAL B 87 -4.84 2.54 18.21
C VAL B 87 -4.09 3.20 19.35
N GLN B 88 -3.36 2.41 20.13
CA GLN B 88 -2.45 2.97 21.12
C GLN B 88 -1.11 2.26 21.06
N GLU B 89 -0.11 2.94 21.59
CA GLU B 89 1.23 2.40 21.65
C GLU B 89 1.61 2.15 23.10
N GLN B 90 2.21 1.01 23.36
CA GLN B 90 2.67 0.67 24.70
C GLN B 90 4.20 0.68 24.64
N THR B 91 4.82 1.61 25.34
CA THR B 91 6.26 1.79 25.21
C THR B 91 6.91 1.61 26.56
N ALA B 92 8.12 1.07 26.52
CA ALA B 92 8.90 0.88 27.73
C ALA B 92 10.35 0.68 27.36
N GLU B 93 11.20 0.80 28.35
CA GLU B 93 12.61 0.43 28.23
C GLU B 93 12.77 -0.97 28.81
N ILE B 94 13.18 -1.92 27.96
CA ILE B 94 13.27 -3.30 28.40
C ILE B 94 14.72 -3.74 28.36
N LYS B 95 15.07 -4.60 29.31
CA LYS B 95 16.41 -5.18 29.39
C LYS B 95 16.44 -6.42 28.50
N ALA B 96 17.39 -6.44 27.57
CA ALA B 96 17.60 -7.61 26.72
C ALA B 96 18.61 -8.54 27.39
N HIS B 97 18.80 -9.72 26.80
CA HIS B 97 19.64 -10.73 27.43
C HIS B 97 21.09 -10.24 27.59
N ASP B 98 21.59 -9.45 26.63
CA ASP B 98 22.98 -8.98 26.65
C ASP B 98 23.16 -7.60 27.30
N GLY B 99 22.13 -7.10 28.00
CA GLY B 99 22.23 -5.82 28.69
C GLY B 99 21.79 -4.62 27.86
N THR B 100 21.44 -4.81 26.60
CA THR B 100 20.96 -3.74 25.75
C THR B 100 19.62 -3.18 26.25
N MET B 101 19.53 -1.84 26.28
N MET B 101 19.52 -1.85 26.29
CA MET B 101 18.32 -1.12 26.63
CA MET B 101 18.27 -1.18 26.63
C MET B 101 17.53 -0.89 25.35
C MET B 101 17.50 -0.93 25.34
N LEU B 102 16.40 -1.69 25.15
CA LEU B 102 15.60 -1.59 23.94
C LEU B 102 14.36 -0.74 24.16
N PRO B 103 14.06 0.16 23.24
CA PRO B 103 12.81 0.94 23.28
C PRO B 103 11.62 0.14 22.71
N MET B 104 11.07 -0.71 23.58
CA MET B 104 9.93 -1.53 23.18
C MET B 104 8.72 -0.68 22.83
N ARG B 105 8.07 -1.03 21.71
CA ARG B 105 6.85 -0.35 21.24
C ARG B 105 5.84 -1.40 20.74
N ASN B 106 4.99 -1.92 21.64
CA ASN B 106 3.85 -2.74 21.22
C ASN B 106 2.77 -1.84 20.64
N ILE B 107 2.09 -2.32 19.59
CA ILE B 107 1.04 -1.57 18.91
C ILE B 107 -0.29 -2.31 19.10
N ILE B 108 -1.28 -1.63 19.67
CA ILE B 108 -2.54 -2.27 20.03
C ILE B 108 -3.66 -1.54 19.30
N ALA B 109 -4.43 -2.27 18.48
CA ALA B 109 -5.54 -1.72 17.70
C ALA B 109 -6.83 -2.42 18.14
N SER B 110 -7.88 -1.67 18.41
CA SER B 110 -9.13 -2.26 18.93
C SER B 110 -10.34 -1.85 18.08
N TYR B 111 -11.24 -2.83 17.84
CA TYR B 111 -12.60 -2.63 17.31
C TYR B 111 -13.61 -2.92 18.42
N ARG B 112 -14.62 -2.05 18.56
CA ARG B 112 -15.57 -2.08 19.67
C ARG B 112 -14.87 -2.16 21.03
N PRO B 113 -14.09 -1.14 21.38
CA PRO B 113 -13.33 -1.20 22.63
C PRO B 113 -14.19 -1.39 23.85
N GLU B 114 -15.50 -1.06 23.81
CA GLU B 114 -16.38 -1.24 24.99
C GLU B 114 -16.84 -2.70 25.20
N ALA B 115 -16.70 -3.59 24.20
CA ALA B 115 -17.31 -4.91 24.34
C ALA B 115 -16.57 -5.81 25.35
N THR B 116 -17.35 -6.55 26.14
CA THR B 116 -16.75 -7.45 27.12
C THR B 116 -16.34 -8.80 26.50
N GLY B 117 -17.03 -9.26 25.45
CA GLY B 117 -16.66 -10.51 24.78
C GLY B 117 -15.71 -10.18 23.65
N ARG B 118 -14.48 -10.69 23.68
CA ARG B 118 -13.46 -10.20 22.75
C ARG B 118 -12.65 -11.37 22.14
N MET B 119 -12.09 -11.08 20.97
CA MET B 119 -11.11 -11.92 20.27
C MET B 119 -9.78 -11.21 20.15
N LEU B 120 -8.70 -11.95 20.34
CA LEU B 120 -7.35 -11.38 20.30
C LEU B 120 -6.60 -11.97 19.11
N LEU B 121 -6.02 -11.10 18.26
CA LEU B 121 -5.18 -11.50 17.11
C LEU B 121 -3.80 -10.87 17.29
N MET B 122 -2.73 -11.64 17.04
CA MET B 122 -1.39 -11.21 17.46
C MET B 122 -0.35 -11.51 16.37
N ALA B 123 0.69 -10.66 16.34
CA ALA B 123 1.87 -10.97 15.53
C ALA B 123 3.03 -10.13 16.04
N HIS B 124 4.27 -10.57 15.85
CA HIS B 124 5.40 -9.71 16.22
C HIS B 124 5.88 -8.94 14.97
N TRP B 125 6.34 -7.70 15.20
CA TRP B 125 6.65 -6.86 14.04
C TRP B 125 8.11 -6.45 13.94
N ASP B 126 8.93 -6.81 14.90
CA ASP B 126 10.36 -6.52 14.84
C ASP B 126 11.07 -7.54 13.97
N THR B 127 12.28 -7.18 13.53
CA THR B 127 13.21 -8.07 12.83
C THR B 127 14.42 -8.42 13.72
N ARG B 128 14.81 -9.68 13.69
CA ARG B 128 16.02 -10.09 14.40
C ARG B 128 17.24 -9.32 13.86
N PRO B 129 18.15 -8.87 14.72
CA PRO B 129 19.25 -7.99 14.24
C PRO B 129 20.28 -8.66 13.33
N VAL B 130 20.41 -9.99 13.34
CA VAL B 130 21.45 -10.68 12.58
C VAL B 130 20.87 -11.93 11.95
N CYS B 131 21.34 -12.25 10.73
CA CYS B 131 20.97 -13.51 10.07
C CYS B 131 21.97 -14.61 10.45
N ASP B 132 21.92 -14.98 11.74
CA ASP B 132 22.89 -15.89 12.32
C ASP B 132 22.56 -17.37 12.12
N GLN B 133 21.67 -17.72 11.18
CA GLN B 133 21.55 -19.09 10.71
C GLN B 133 21.91 -19.23 9.24
N ASP B 134 22.39 -18.16 8.62
CA ASP B 134 22.74 -18.20 7.21
C ASP B 134 23.77 -19.31 6.98
N ALA B 135 23.67 -19.98 5.84
CA ALA B 135 24.62 -21.05 5.54
C ALA B 135 26.02 -20.52 5.37
N ASN B 136 26.16 -19.25 4.95
CA ASN B 136 27.49 -18.66 4.79
C ASN B 136 27.87 -17.96 6.09
N PRO B 137 28.85 -18.50 6.83
CA PRO B 137 29.21 -17.92 8.15
C PRO B 137 29.64 -16.46 8.10
N ALA B 138 30.23 -16.02 6.99
CA ALA B 138 30.60 -14.62 6.86
C ALA B 138 29.40 -13.69 7.03
N MET B 139 28.17 -14.22 6.96
CA MET B 139 26.95 -13.44 7.08
C MET B 139 26.39 -13.37 8.50
N HIS B 140 26.95 -14.09 9.47
CA HIS B 140 26.24 -14.16 10.74
C HIS B 140 26.20 -12.82 11.48
N THR B 141 26.99 -11.85 11.05
CA THR B 141 26.97 -10.53 11.64
C THR B 141 26.14 -9.51 10.84
N GLU B 142 25.58 -9.88 9.69
CA GLU B 142 24.89 -8.91 8.86
C GLU B 142 23.37 -8.98 9.07
N THR B 143 22.66 -8.02 8.46
CA THR B 143 21.20 -7.87 8.57
C THR B 143 20.46 -8.57 7.44
N PHE B 144 19.16 -8.78 7.67
CA PHE B 144 18.28 -9.40 6.69
C PHE B 144 16.87 -8.84 6.83
N ASP B 145 16.06 -9.09 5.81
CA ASP B 145 14.84 -8.32 5.58
C ASP B 145 13.70 -8.69 6.55
N GLY B 146 13.69 -9.91 7.07
CA GLY B 146 12.56 -10.34 7.90
C GLY B 146 11.22 -10.32 7.19
N ALA B 147 11.19 -10.71 5.90
CA ALA B 147 9.94 -10.65 5.14
C ALA B 147 8.89 -11.61 5.73
N ASP B 148 9.30 -12.86 5.96
CA ASP B 148 8.37 -13.84 6.51
C ASP B 148 8.32 -13.75 8.03
N ASP B 149 9.48 -13.71 8.65
CA ASP B 149 9.64 -13.72 10.09
C ASP B 149 9.51 -12.27 10.54
N GLY B 150 8.26 -11.86 10.80
CA GLY B 150 7.91 -10.48 11.08
C GLY B 150 6.92 -9.94 10.03
N GLY B 151 7.37 -9.80 8.77
CA GLY B 151 6.54 -9.19 7.74
C GLY B 151 5.20 -9.89 7.52
N SER B 152 5.21 -11.22 7.44
CA SER B 152 4.00 -11.94 6.99
C SER B 152 2.83 -11.83 7.99
N GLY B 153 3.06 -12.11 9.27
CA GLY B 153 1.94 -12.07 10.23
C GLY B 153 1.32 -10.68 10.33
N VAL B 154 2.17 -9.64 10.36
CA VAL B 154 1.71 -8.25 10.35
C VAL B 154 0.90 -7.93 9.07
N GLY B 155 1.43 -8.33 7.89
CA GLY B 155 0.71 -8.07 6.65
C GLY B 155 -0.66 -8.73 6.60
N VAL B 156 -0.75 -9.99 7.06
CA VAL B 156 -2.06 -10.65 7.12
C VAL B 156 -3.00 -9.87 8.04
N LEU B 157 -2.54 -9.51 9.22
CA LEU B 157 -3.42 -8.83 10.18
C LEU B 157 -3.80 -7.43 9.71
N LEU B 158 -2.92 -6.72 9.00
CA LEU B 158 -3.29 -5.44 8.41
C LEU B 158 -4.43 -5.61 7.43
N GLU B 159 -4.39 -6.67 6.61
CA GLU B 159 -5.48 -6.88 5.66
C GLU B 159 -6.78 -7.26 6.40
N ILE B 160 -6.67 -8.04 7.48
CA ILE B 160 -7.84 -8.32 8.34
C ILE B 160 -8.40 -7.04 8.99
N ALA B 161 -7.54 -6.15 9.46
CA ALA B 161 -7.98 -4.86 9.99
C ALA B 161 -8.77 -4.09 8.94
N ARG B 162 -8.24 -4.07 7.70
CA ARG B 162 -8.98 -3.42 6.62
C ARG B 162 -10.37 -4.02 6.45
N TYR B 163 -10.49 -5.36 6.46
CA TYR B 163 -11.81 -6.00 6.43
C TYR B 163 -12.71 -5.57 7.61
N LEU B 164 -12.19 -5.62 8.83
CA LEU B 164 -12.97 -5.32 10.03
C LEU B 164 -13.46 -3.88 10.02
N GLY B 165 -12.61 -2.94 9.57
CA GLY B 165 -13.01 -1.56 9.48
C GLY B 165 -14.21 -1.32 8.58
N GLN B 166 -14.54 -2.28 7.72
CA GLN B 166 -15.70 -2.10 6.88
C GLN B 166 -17.00 -2.67 7.47
N GLN B 167 -16.94 -3.41 8.58
CA GLN B 167 -18.12 -4.10 9.10
C GLN B 167 -18.99 -3.14 9.93
N LYS B 168 -20.32 -3.28 9.84
CA LYS B 168 -21.21 -2.28 10.40
C LYS B 168 -21.66 -2.53 11.86
N ASP B 169 -21.67 -3.76 12.35
CA ASP B 169 -21.73 -3.88 13.82
C ASP B 169 -21.32 -5.32 14.19
N LEU B 170 -20.06 -5.40 14.57
CA LEU B 170 -19.42 -6.61 15.00
C LEU B 170 -20.08 -7.10 16.27
N GLY B 171 -20.29 -8.42 16.36
CA GLY B 171 -20.87 -9.01 17.54
C GLY B 171 -19.93 -9.26 18.70
N MET B 172 -18.64 -8.96 18.54
CA MET B 172 -17.63 -9.06 19.58
C MET B 172 -16.63 -7.93 19.33
N GLY B 173 -15.88 -7.58 20.38
CA GLY B 173 -14.70 -6.76 20.21
C GLY B 173 -13.54 -7.55 19.66
N ILE B 174 -12.66 -6.86 18.94
CA ILE B 174 -11.47 -7.48 18.38
C ILE B 174 -10.26 -6.61 18.69
N ASP B 175 -9.21 -7.21 19.21
CA ASP B 175 -7.95 -6.51 19.40
C ASP B 175 -6.89 -7.16 18.51
N ILE B 176 -6.16 -6.34 17.81
CA ILE B 176 -4.99 -6.72 17.03
C ILE B 176 -3.76 -6.14 17.72
N VAL B 177 -2.86 -7.00 18.13
CA VAL B 177 -1.68 -6.59 18.88
C VAL B 177 -0.44 -7.00 18.08
N PHE B 178 0.41 -6.00 17.79
CA PHE B 178 1.70 -6.22 17.17
C PHE B 178 2.74 -6.08 18.28
N PHE B 179 3.36 -7.19 18.63
CA PHE B 179 4.37 -7.23 19.66
C PHE B 179 5.72 -6.80 19.10
N ASP B 180 6.39 -5.92 19.83
CA ASP B 180 7.79 -5.60 19.59
C ASP B 180 8.68 -6.60 20.33
N THR B 181 10.00 -6.54 20.02
CA THR B 181 11.10 -7.23 20.74
C THR B 181 10.82 -8.70 20.99
N GLU B 182 10.29 -9.39 19.98
CA GLU B 182 10.11 -10.82 20.06
C GLU B 182 11.40 -11.58 19.79
N ASP B 183 12.27 -11.03 18.95
CA ASP B 183 13.21 -11.84 18.18
C ASP B 183 14.65 -11.42 18.42
N TYR B 184 14.92 -10.82 19.57
CA TYR B 184 16.22 -10.33 19.95
C TYR B 184 16.96 -11.25 20.89
N GLY B 185 16.51 -12.49 21.04
CA GLY B 185 17.00 -13.38 22.08
C GLY B 185 18.25 -14.15 21.67
N SER B 186 18.64 -15.07 22.56
CA SER B 186 19.81 -15.92 22.39
C SER B 186 19.32 -17.36 22.40
N TYR B 187 19.88 -18.19 21.52
CA TYR B 187 19.40 -19.56 21.36
C TYR B 187 19.64 -20.38 22.62
N GLY B 188 18.61 -21.11 23.06
CA GLY B 188 18.69 -21.88 24.29
C GLY B 188 18.25 -21.16 25.54
N ASP B 189 17.82 -19.88 25.44
CA ASP B 189 17.54 -19.01 26.59
C ASP B 189 16.11 -18.56 26.32
N ASP B 190 15.15 -19.33 26.84
CA ASP B 190 13.74 -19.14 26.46
C ASP B 190 13.22 -17.78 26.90
N GLU B 191 13.63 -17.30 28.08
CA GLU B 191 13.13 -16.03 28.61
C GLU B 191 13.66 -14.81 27.85
N SER B 192 14.68 -14.95 26.98
CA SER B 192 15.21 -13.81 26.20
C SER B 192 14.38 -13.48 24.96
N TRP B 193 13.39 -14.30 24.62
CA TRP B 193 12.52 -14.07 23.48
C TRP B 193 11.19 -13.49 23.96
N CYS B 194 10.39 -13.01 23.01
CA CYS B 194 9.02 -12.61 23.30
C CYS B 194 8.95 -11.58 24.44
N LEU B 195 9.86 -10.60 24.44
CA LEU B 195 9.91 -9.64 25.53
C LEU B 195 8.70 -8.72 25.54
N GLY B 196 8.19 -8.41 24.34
CA GLY B 196 7.06 -7.50 24.25
C GLY B 196 5.75 -8.14 24.68
N SER B 197 5.52 -9.39 24.29
CA SER B 197 4.34 -10.10 24.77
C SER B 197 4.45 -10.40 26.28
N GLN B 198 5.65 -10.73 26.78
CA GLN B 198 5.79 -10.87 28.23
C GLN B 198 5.32 -9.61 28.94
N TYR B 199 5.82 -8.46 28.47
CA TYR B 199 5.46 -7.19 29.09
C TYR B 199 3.95 -6.92 28.98
N TRP B 200 3.41 -7.09 27.79
CA TRP B 200 1.99 -6.81 27.59
C TRP B 200 1.11 -7.74 28.42
N SER B 201 1.42 -9.04 28.47
CA SER B 201 0.59 -9.99 29.22
C SER B 201 0.64 -9.71 30.72
N ARG B 202 1.75 -9.13 31.23
CA ARG B 202 1.78 -8.76 32.65
C ARG B 202 1.22 -7.36 32.91
N ASN B 203 1.11 -6.52 31.88
CA ASN B 203 0.71 -5.12 31.98
C ASN B 203 -0.19 -4.75 30.81
N PRO B 204 -1.41 -5.29 30.74
CA PRO B 204 -2.21 -5.09 29.52
C PRO B 204 -2.74 -3.66 29.45
N HIS B 205 -3.20 -3.28 28.26
CA HIS B 205 -3.59 -1.88 28.01
C HIS B 205 -4.93 -1.51 28.64
N VAL B 206 -5.72 -2.48 29.12
CA VAL B 206 -6.88 -2.19 29.97
C VAL B 206 -6.77 -3.05 31.21
N ALA B 207 -7.13 -2.48 32.35
CA ALA B 207 -6.98 -3.19 33.62
C ALA B 207 -7.91 -4.39 33.62
N GLY B 208 -7.37 -5.58 33.94
CA GLY B 208 -8.17 -6.80 33.96
C GLY B 208 -8.53 -7.37 32.60
N TYR B 209 -7.73 -7.07 31.57
CA TYR B 209 -8.05 -7.45 30.20
C TYR B 209 -8.37 -8.94 30.09
N LYS B 210 -9.41 -9.28 29.33
CA LYS B 210 -9.76 -10.66 29.04
C LYS B 210 -10.18 -10.78 27.59
N ALA B 211 -9.90 -11.91 26.96
CA ALA B 211 -10.46 -12.27 25.66
C ALA B 211 -10.88 -13.75 25.69
N GLU B 212 -11.91 -14.12 24.92
CA GLU B 212 -12.37 -15.50 24.90
C GLU B 212 -11.46 -16.43 24.11
N ALA B 213 -10.63 -15.88 23.20
CA ALA B 213 -9.79 -16.70 22.34
C ALA B 213 -8.71 -15.79 21.75
N GLY B 214 -7.59 -16.40 21.36
CA GLY B 214 -6.46 -15.67 20.81
C GLY B 214 -5.78 -16.44 19.68
N ILE B 215 -5.46 -15.75 18.58
CA ILE B 215 -4.76 -16.39 17.46
C ILE B 215 -3.49 -15.59 17.18
N LEU B 216 -2.34 -16.24 17.25
CA LEU B 216 -1.05 -15.67 16.86
C LEU B 216 -0.65 -16.19 15.47
N LEU B 217 -0.21 -15.28 14.60
CA LEU B 217 0.37 -15.60 13.30
C LEU B 217 1.87 -15.34 13.35
N ASP B 218 2.69 -16.34 13.07
CA ASP B 218 4.15 -16.15 13.01
C ASP B 218 4.69 -16.90 11.78
N MET B 219 5.29 -16.20 10.81
CA MET B 219 5.85 -16.87 9.61
C MET B 219 4.76 -17.62 8.84
N VAL B 220 3.88 -16.83 8.26
CA VAL B 220 2.72 -17.41 7.61
C VAL B 220 2.74 -17.01 6.12
N GLY B 221 3.91 -16.76 5.56
CA GLY B 221 4.00 -16.29 4.17
C GLY B 221 4.92 -17.05 3.20
N ALA B 222 5.75 -17.99 3.69
CA ALA B 222 6.76 -18.58 2.79
C ALA B 222 6.17 -19.69 1.91
N LYS B 223 6.61 -19.74 0.64
CA LYS B 223 6.27 -20.87 -0.24
C LYS B 223 6.46 -22.22 0.47
N GLY B 224 5.48 -23.13 0.33
CA GLY B 224 5.63 -24.45 0.89
C GLY B 224 5.35 -24.56 2.40
N ALA B 225 4.84 -23.50 3.02
CA ALA B 225 4.64 -23.53 4.47
C ALA B 225 3.73 -24.67 4.89
N THR B 226 3.98 -25.19 6.10
CA THR B 226 3.15 -26.23 6.71
C THR B 226 2.77 -25.80 8.14
N PHE B 227 1.46 -25.70 8.41
CA PHE B 227 0.96 -25.34 9.75
C PHE B 227 0.41 -26.60 10.45
N TYR B 228 1.22 -27.18 11.32
CA TYR B 228 0.78 -28.28 12.17
C TYR B 228 0.24 -27.77 13.51
N TRP B 229 -0.35 -28.68 14.28
CA TRP B 229 -0.78 -28.34 15.64
C TRP B 229 0.44 -28.12 16.53
N GLU B 230 0.63 -26.89 16.97
CA GLU B 230 1.70 -26.58 17.88
C GLU B 230 1.31 -27.06 19.29
N TYR B 231 2.30 -27.51 20.05
CA TYR B 231 2.05 -28.29 21.26
C TYR B 231 1.29 -27.47 22.32
N PHE B 232 1.76 -26.26 22.63
CA PHE B 232 1.10 -25.48 23.67
C PHE B 232 -0.28 -25.01 23.21
N SER B 233 -0.38 -24.69 21.91
CA SER B 233 -1.65 -24.37 21.29
C SER B 233 -2.67 -25.47 21.52
N LYS B 234 -2.28 -26.71 21.27
CA LYS B 234 -3.21 -27.80 21.38
C LYS B 234 -3.49 -28.14 22.84
N SER B 235 -2.51 -28.01 23.73
CA SER B 235 -2.80 -28.32 25.14
C SER B 235 -3.68 -27.25 25.78
N TYR B 236 -3.51 -25.97 25.42
CA TYR B 236 -4.19 -24.91 26.16
C TYR B 236 -5.39 -24.33 25.41
N ALA B 237 -5.53 -24.65 24.10
CA ALA B 237 -6.66 -24.17 23.33
C ALA B 237 -7.16 -25.26 22.37
N PRO B 238 -7.49 -26.46 22.87
CA PRO B 238 -7.93 -27.56 21.97
C PRO B 238 -9.19 -27.21 21.18
N GLY B 239 -10.15 -26.51 21.82
CA GLY B 239 -11.33 -26.12 21.07
C GLY B 239 -11.05 -25.15 19.95
N LEU B 240 -10.24 -24.13 20.22
CA LEU B 240 -9.93 -23.16 19.21
C LEU B 240 -9.11 -23.80 18.08
N ILE B 241 -8.18 -24.69 18.43
CA ILE B 241 -7.38 -25.24 17.36
C ILE B 241 -8.23 -26.13 16.47
N SER B 242 -9.15 -26.88 17.07
CA SER B 242 -10.12 -27.63 16.30
C SER B 242 -10.95 -26.72 15.37
N ALA B 243 -11.56 -25.66 15.92
CA ALA B 243 -12.40 -24.78 15.10
C ALA B 243 -11.60 -24.17 13.93
N VAL B 244 -10.38 -23.70 14.18
CA VAL B 244 -9.62 -23.04 13.11
C VAL B 244 -9.16 -24.06 12.04
N TRP B 245 -8.60 -25.21 12.47
CA TRP B 245 -8.18 -26.20 11.48
C TRP B 245 -9.37 -26.72 10.67
N GLN B 246 -10.54 -26.84 11.31
CA GLN B 246 -11.72 -27.34 10.59
C GLN B 246 -12.23 -26.27 9.64
N THR B 247 -12.10 -25.00 9.98
CA THR B 247 -12.44 -23.95 9.04
C THR B 247 -11.53 -24.00 7.80
N ALA B 248 -10.21 -24.08 8.02
CA ALA B 248 -9.27 -24.25 6.90
C ALA B 248 -9.65 -25.46 6.03
N ALA B 249 -9.91 -26.61 6.65
CA ALA B 249 -10.34 -27.79 5.91
C ALA B 249 -11.61 -27.54 5.09
N ALA B 250 -12.60 -26.87 5.70
CA ALA B 250 -13.82 -26.65 4.94
C ALA B 250 -13.58 -25.74 3.74
N LEU B 251 -12.57 -24.87 3.77
CA LEU B 251 -12.17 -24.04 2.64
C LEU B 251 -11.23 -24.73 1.63
N GLY B 252 -10.80 -25.96 1.86
CA GLY B 252 -9.87 -26.60 0.94
C GLY B 252 -8.41 -26.25 1.21
N TYR B 253 -8.07 -25.78 2.41
CA TYR B 253 -6.69 -25.41 2.72
C TYR B 253 -6.04 -26.38 3.68
N GLY B 254 -6.53 -27.62 3.74
CA GLY B 254 -5.89 -28.70 4.51
C GLY B 254 -4.52 -29.10 3.97
N ASN B 255 -4.09 -28.57 2.81
CA ASN B 255 -2.72 -28.81 2.36
C ASN B 255 -1.72 -27.91 3.09
N TYR B 256 -2.19 -26.83 3.74
CA TYR B 256 -1.41 -25.92 4.59
C TYR B 256 -1.67 -26.15 6.08
N PHE B 257 -2.96 -26.23 6.46
CA PHE B 257 -3.36 -26.46 7.85
C PHE B 257 -3.47 -27.96 8.03
N ILE B 258 -2.41 -28.60 8.47
CA ILE B 258 -2.35 -30.05 8.51
C ILE B 258 -2.80 -30.58 9.89
N GLN B 259 -3.69 -31.58 9.88
CA GLN B 259 -4.27 -32.08 11.12
C GLN B 259 -3.38 -33.16 11.69
N ALA B 260 -2.26 -32.72 12.24
CA ALA B 260 -1.26 -33.62 12.82
C ALA B 260 -0.43 -32.81 13.81
N ASP B 261 0.21 -33.50 14.74
CA ASP B 261 1.00 -32.80 15.76
C ASP B 261 2.25 -32.16 15.15
N GLY B 262 2.55 -30.92 15.54
CA GLY B 262 3.79 -30.26 15.14
C GLY B 262 4.82 -30.11 16.26
N GLY B 263 5.40 -28.93 16.45
CA GLY B 263 6.44 -28.74 17.44
C GLY B 263 5.97 -28.08 18.73
N ALA B 264 6.78 -28.16 19.78
CA ALA B 264 6.59 -27.39 21.01
C ALA B 264 7.42 -26.12 20.87
N LEU B 265 6.76 -25.01 20.60
CA LEU B 265 7.46 -23.79 20.22
C LEU B 265 7.18 -22.70 21.23
N THR B 266 8.23 -22.14 21.81
CA THR B 266 8.03 -20.92 22.55
C THR B 266 7.81 -19.77 21.56
N ASP B 267 6.77 -18.98 21.81
CA ASP B 267 6.36 -17.91 20.92
C ASP B 267 5.42 -16.99 21.73
N ASP B 268 4.98 -15.90 21.09
CA ASP B 268 4.30 -14.84 21.82
C ASP B 268 3.01 -15.31 22.50
N HIS B 269 2.42 -16.44 22.07
CA HIS B 269 1.17 -16.91 22.67
C HIS B 269 1.38 -17.48 24.08
N VAL B 270 2.59 -17.94 24.41
CA VAL B 270 2.81 -18.59 25.70
C VAL B 270 2.72 -17.60 26.86
N PRO B 271 3.37 -16.42 26.83
CA PRO B 271 3.14 -15.48 27.93
C PRO B 271 1.67 -15.06 28.07
N VAL B 272 0.93 -14.98 26.96
CA VAL B 272 -0.49 -14.62 27.01
C VAL B 272 -1.29 -15.74 27.71
N ILE B 273 -1.06 -17.00 27.32
CA ILE B 273 -1.65 -18.14 28.01
C ILE B 273 -1.32 -18.09 29.50
N LYS B 274 -0.03 -17.93 29.84
CA LYS B 274 0.40 -18.06 31.24
C LYS B 274 -0.06 -16.91 32.13
N ASN B 275 0.02 -15.66 31.64
CA ASN B 275 -0.18 -14.51 32.52
C ASN B 275 -1.58 -13.91 32.43
N LEU B 276 -2.31 -14.14 31.34
CA LEU B 276 -3.68 -13.70 31.18
C LEU B 276 -4.69 -14.85 31.16
N GLY B 277 -4.24 -16.09 30.96
CA GLY B 277 -5.22 -17.16 31.03
C GLY B 277 -6.11 -17.23 29.81
N ILE B 278 -5.69 -16.66 28.68
CA ILE B 278 -6.49 -16.66 27.46
C ILE B 278 -6.11 -17.86 26.59
N PRO B 279 -7.07 -18.69 26.12
CA PRO B 279 -6.67 -19.82 25.24
C PRO B 279 -6.21 -19.29 23.89
N CYS B 280 -4.92 -19.54 23.58
CA CYS B 280 -4.30 -19.03 22.36
C CYS B 280 -3.68 -20.14 21.54
N ILE B 281 -3.74 -19.98 20.21
CA ILE B 281 -3.07 -20.91 19.30
C ILE B 281 -2.05 -20.10 18.49
N ASP B 282 -1.04 -20.81 17.97
CA ASP B 282 0.05 -20.24 17.17
C ASP B 282 -0.03 -20.91 15.79
N ILE B 283 -0.20 -20.10 14.74
CA ILE B 283 -0.20 -20.56 13.36
C ILE B 283 1.18 -20.20 12.84
N ILE B 284 2.00 -21.22 12.62
CA ILE B 284 3.41 -20.97 12.37
C ILE B 284 3.96 -22.06 11.46
N ASN B 285 4.75 -21.62 10.46
CA ASN B 285 5.43 -22.55 9.53
C ASN B 285 6.50 -23.35 10.26
N TYR B 286 6.28 -24.64 10.48
CA TYR B 286 7.23 -25.48 11.21
C TYR B 286 7.01 -26.93 10.79
N SER B 287 8.09 -27.67 10.64
CA SER B 287 7.98 -29.12 10.48
C SER B 287 9.25 -29.80 10.96
N SER B 288 9.05 -30.94 11.63
CA SER B 288 10.16 -31.74 12.10
C SER B 288 11.01 -32.29 10.95
N LYS B 289 10.52 -32.21 9.71
CA LYS B 289 11.34 -32.62 8.57
C LYS B 289 12.35 -31.55 8.16
N ASN B 290 12.17 -30.30 8.58
CA ASN B 290 13.10 -29.24 8.24
C ASN B 290 14.31 -29.31 9.14
N GLU B 291 15.48 -29.04 8.56
CA GLU B 291 16.74 -29.09 9.31
C GLU B 291 16.65 -28.28 10.59
N HIS B 292 16.05 -27.09 10.54
CA HIS B 292 15.92 -26.29 11.75
C HIS B 292 14.48 -26.18 12.23
N GLY B 293 13.57 -27.05 11.75
CA GLY B 293 12.17 -26.97 12.14
C GLY B 293 11.40 -25.91 11.37
N PHE B 294 11.79 -24.64 11.60
CA PHE B 294 11.32 -23.52 10.80
C PHE B 294 11.76 -23.71 9.34
N GLY B 295 11.10 -22.99 8.42
CA GLY B 295 11.54 -23.06 7.03
C GLY B 295 13.03 -22.85 6.87
N ASP B 296 13.61 -23.33 5.76
CA ASP B 296 15.04 -23.18 5.50
C ASP B 296 15.48 -21.72 5.41
N HIS B 297 14.58 -20.79 5.09
CA HIS B 297 14.92 -19.37 5.00
C HIS B 297 15.10 -18.69 6.38
N TRP B 298 14.71 -19.36 7.48
CA TRP B 298 14.62 -18.74 8.80
C TRP B 298 15.97 -18.23 9.29
N HIS B 299 16.02 -16.92 9.62
CA HIS B 299 17.23 -16.26 10.10
C HIS B 299 18.39 -16.43 9.13
N THR B 300 18.10 -16.48 7.84
CA THR B 300 19.11 -16.40 6.80
C THR B 300 18.78 -15.21 5.91
N GLN B 301 19.73 -14.86 5.07
CA GLN B 301 19.55 -13.76 4.14
C GLN B 301 18.43 -14.05 3.13
N ARG B 302 18.04 -15.30 2.98
CA ARG B 302 16.95 -15.66 2.09
C ARG B 302 15.55 -15.37 2.64
N ASP B 303 15.42 -14.87 3.89
CA ASP B 303 14.10 -14.46 4.39
C ASP B 303 13.80 -13.04 3.86
N ASN B 304 13.39 -12.97 2.59
CA ASN B 304 13.26 -11.71 1.89
C ASN B 304 12.03 -11.86 0.99
N MET B 305 11.68 -10.80 0.25
CA MET B 305 10.41 -10.84 -0.48
C MET B 305 10.36 -12.01 -1.44
N GLN B 306 11.52 -12.54 -1.88
CA GLN B 306 11.52 -13.66 -2.82
C GLN B 306 10.96 -14.97 -2.24
N ILE B 307 10.92 -15.18 -0.93
CA ILE B 307 10.35 -16.46 -0.47
C ILE B 307 8.85 -16.34 -0.18
N ILE B 308 8.26 -15.12 -0.32
CA ILE B 308 6.85 -14.90 0.03
C ILE B 308 5.97 -15.43 -1.10
N ASP B 309 4.90 -16.14 -0.74
CA ASP B 309 3.97 -16.72 -1.68
C ASP B 309 2.57 -16.18 -1.37
N LYS B 310 2.00 -15.43 -2.32
CA LYS B 310 0.64 -14.88 -2.17
C LYS B 310 -0.36 -15.94 -1.75
N ASN B 311 -0.21 -17.17 -2.28
CA ASN B 311 -1.21 -18.19 -2.02
C ASN B 311 -1.17 -18.66 -0.57
N VAL B 312 0.00 -18.64 0.05
CA VAL B 312 0.10 -18.97 1.48
C VAL B 312 -0.56 -17.87 2.32
N LEU B 313 -0.24 -16.60 2.03
CA LEU B 313 -0.92 -15.50 2.71
C LEU B 313 -2.44 -15.62 2.59
N ASP B 314 -2.93 -15.93 1.37
CA ASP B 314 -4.37 -16.07 1.13
C ASP B 314 -4.95 -17.22 1.95
N ALA B 315 -4.28 -18.36 1.99
CA ALA B 315 -4.82 -19.48 2.76
C ALA B 315 -5.00 -19.10 4.24
N VAL B 316 -4.01 -18.40 4.81
CA VAL B 316 -4.08 -18.03 6.22
C VAL B 316 -5.16 -16.95 6.45
N GLY B 317 -5.11 -15.89 5.63
CA GLY B 317 -6.08 -14.81 5.72
C GLY B 317 -7.54 -15.24 5.50
N GLU B 318 -7.78 -16.03 4.46
CA GLU B 318 -9.13 -16.50 4.23
C GLU B 318 -9.63 -17.37 5.39
N THR B 319 -8.77 -18.26 5.91
CA THR B 319 -9.16 -19.04 7.09
C THR B 319 -9.53 -18.17 8.30
N VAL B 320 -8.66 -17.21 8.65
CA VAL B 320 -8.90 -16.39 9.82
C VAL B 320 -10.17 -15.56 9.64
N ILE B 321 -10.34 -14.95 8.46
CA ILE B 321 -11.53 -14.15 8.23
C ILE B 321 -12.80 -15.00 8.34
N ARG B 322 -12.80 -16.19 7.71
CA ARG B 322 -13.96 -17.07 7.81
C ARG B 322 -14.31 -17.38 9.27
N TYR B 323 -13.30 -17.76 10.04
CA TYR B 323 -13.52 -18.07 11.46
C TYR B 323 -14.11 -16.86 12.21
N LEU B 324 -13.51 -15.69 11.99
CA LEU B 324 -13.96 -14.43 12.61
C LEU B 324 -15.40 -14.09 12.22
N ASP B 325 -15.78 -14.23 10.92
CA ASP B 325 -17.16 -13.99 10.48
C ASP B 325 -18.12 -14.91 11.19
N GLU B 326 -17.70 -16.15 11.45
CA GLU B 326 -18.59 -17.03 12.19
C GLU B 326 -18.75 -16.55 13.63
N GLN B 327 -17.74 -15.85 14.17
CA GLN B 327 -17.79 -15.26 15.53
C GLN B 327 -18.36 -13.82 15.64
N VAL B 328 -18.27 -12.96 14.62
CA VAL B 328 -18.62 -11.55 14.76
C VAL B 328 -19.74 -11.10 13.82
N LYS B 329 -20.19 -11.96 12.91
CA LYS B 329 -21.48 -11.84 12.21
C LYS B 329 -22.53 -11.22 13.12
ZN ZN C . -2.38 23.41 -12.51
MG MG D . -14.32 4.16 -25.54
C1 GOL E . 2.13 24.28 -32.76
O1 GOL E . 2.46 24.77 -34.02
C2 GOL E . 3.40 23.69 -32.26
O2 GOL E . 4.37 24.67 -32.07
C3 GOL E . 3.04 22.87 -30.95
O3 GOL E . 3.54 23.59 -29.83
H11 GOL E . 1.82 24.97 -32.15
H12 GOL E . 1.43 23.61 -32.80
HO1 GOL E . 2.69 24.10 -34.49
H2 GOL E . 3.77 23.10 -32.93
HO2 GOL E . 5.10 24.39 -32.40
H31 GOL E . 2.09 22.72 -30.92
H32 GOL E . 3.44 21.99 -31.00
HO3 GOL E . 2.86 23.75 -29.33
ZN ZN F . 12.90 -15.04 14.10
MG MG G . -8.42 -13.99 -1.01
#